data_6JC3
#
_entry.id   6JC3
#
_cell.length_a   1
_cell.length_b   1
_cell.length_c   1
_cell.angle_alpha   90
_cell.angle_beta   90
_cell.angle_gamma   90
#
_symmetry.space_group_name_H-M   'P 1'
#
loop_
_entity.id
_entity.type
_entity.pdbx_description
1 polymer Nucleocapsid
2 polymer polyU
#
loop_
_entity_poly.entity_id
_entity_poly.type
_entity_poly.pdbx_seq_one_letter_code
_entity_poly.pdbx_strand_id
1 'polypeptide(L)'
;MSSVFDEYEQLLAAQTRPNGALGGGEKGSTLKVEVPVFTLNSDDPEDRWNFAVFCLRIAVSEDANKPLRQGALISLLCSH
SQVMRNHVALAGKQNEATLAVLEIDGFTNGVPQFNNRSGVSEERAQRFMMIAGSLPRACSNGTPFVTAGVEDDAPEDITD
TLERILSIQAQVWVTVAKAMTAYETADESETRRINKYMQQGRVQKKYILHPVCRSAIQLTIRQSLAVRIFLVSELKRGRN
TAGGTSTYYNLVGDVDSYIRNTGLTAFFLTLKYGINTKTSALALSSLSGDIQKMKQLMRLYRMKGDNAPYMTLLGDSDQM
SFAPAEYAQLYSFAMGMASVLDKGTGKYQFARDFMSTSFWRLGVEYAQAQGSSINEDMAAELKLTPAARRGLAAAAQR
;
A
2 'polyribonucleotide' UUUUUU N
#
loop_
_chem_comp.id
_chem_comp.type
_chem_comp.name
_chem_comp.formula
U RNA linking URIDINE-5'-MONOPHOSPHATE 'C9 H13 N2 O9 P'
#
# COMPACT_ATOMS: atom_id res chain seq x y z
N MET A 1 -22.58 -28.25 -30.90
CA MET A 1 -22.78 -27.06 -31.74
C MET A 1 -21.93 -25.92 -31.20
N SER A 2 -20.74 -25.76 -31.78
CA SER A 2 -19.90 -24.62 -31.48
C SER A 2 -20.52 -23.37 -32.09
N SER A 3 -20.88 -22.41 -31.24
CA SER A 3 -21.34 -21.14 -31.73
C SER A 3 -20.17 -20.17 -31.85
N VAL A 4 -20.36 -19.17 -32.70
CA VAL A 4 -19.25 -18.31 -33.08
C VAL A 4 -18.78 -17.48 -31.89
N PHE A 5 -19.71 -16.81 -31.23
CA PHE A 5 -19.35 -16.06 -30.02
C PHE A 5 -18.81 -17.00 -28.94
N ASP A 6 -19.42 -18.18 -28.80
CA ASP A 6 -18.99 -19.07 -27.75
C ASP A 6 -17.56 -19.53 -27.98
N GLU A 7 -17.21 -19.83 -29.23
CA GLU A 7 -15.84 -20.22 -29.50
C GLU A 7 -14.93 -18.99 -29.44
N TYR A 8 -15.48 -17.81 -29.69
CA TYR A 8 -14.75 -16.59 -29.41
C TYR A 8 -14.29 -16.53 -27.96
N GLU A 9 -15.19 -16.89 -27.05
CA GLU A 9 -14.81 -16.95 -25.64
C GLU A 9 -13.83 -18.07 -25.36
N GLN A 10 -14.12 -19.26 -25.90
CA GLN A 10 -13.23 -20.41 -25.74
C GLN A 10 -11.84 -20.10 -26.25
N LEU A 11 -11.73 -19.17 -27.20
CA LEU A 11 -10.44 -18.67 -27.63
C LEU A 11 -9.89 -17.67 -26.62
N LEU A 12 -10.75 -16.86 -26.02
CA LEU A 12 -10.19 -15.87 -25.10
C LEU A 12 -9.98 -16.39 -23.69
N ALA A 13 -10.21 -17.68 -23.45
CA ALA A 13 -9.96 -18.29 -22.14
C ALA A 13 -8.56 -18.92 -21.99
N ALA A 14 -8.13 -19.69 -22.99
CA ALA A 14 -6.81 -20.31 -22.91
C ALA A 14 -5.72 -19.28 -22.68
N GLN A 15 -5.88 -18.07 -23.21
CA GLN A 15 -4.82 -17.05 -23.20
C GLN A 15 -4.58 -16.47 -21.81
N THR A 16 -5.62 -16.45 -20.97
CA THR A 16 -5.61 -15.72 -19.71
C THR A 16 -5.11 -16.57 -18.54
N ARG A 17 -4.59 -17.77 -18.80
CA ARG A 17 -3.97 -18.56 -17.74
C ARG A 17 -2.75 -17.83 -17.18
N PRO A 18 -2.67 -17.61 -15.87
CA PRO A 18 -1.48 -17.02 -15.25
C PRO A 18 -0.32 -18.00 -15.17
N GLU A 26 9.82 -24.74 -11.12
CA GLU A 26 10.48 -23.82 -10.19
C GLU A 26 11.23 -22.75 -10.94
N LYS A 27 11.19 -21.54 -10.37
CA LYS A 27 11.88 -20.41 -10.96
C LYS A 27 13.36 -20.49 -10.65
N GLY A 28 14.19 -20.16 -11.64
CA GLY A 28 15.62 -20.31 -11.52
C GLY A 28 16.23 -19.40 -10.48
N SER A 29 17.48 -19.73 -10.13
CA SER A 29 18.19 -19.09 -9.02
C SER A 29 19.33 -18.24 -9.58
N THR A 30 19.37 -16.98 -9.18
CA THR A 30 20.32 -16.02 -9.69
C THR A 30 21.29 -15.63 -8.59
N LEU A 31 22.21 -14.72 -8.92
CA LEU A 31 23.05 -14.13 -7.89
C LEU A 31 22.18 -13.36 -6.91
N LYS A 32 22.49 -13.47 -5.62
CA LYS A 32 21.68 -12.88 -4.57
C LYS A 32 22.54 -12.43 -3.41
N VAL A 33 22.38 -11.16 -2.99
CA VAL A 33 23.27 -10.49 -2.04
C VAL A 33 22.73 -10.65 -0.63
N GLU A 34 23.65 -10.85 0.31
CA GLU A 34 23.33 -10.96 1.72
C GLU A 34 22.73 -9.65 2.22
N VAL A 35 21.74 -9.76 3.11
CA VAL A 35 21.11 -8.59 3.75
C VAL A 35 21.34 -8.64 5.26
N PRO A 36 22.18 -7.77 5.82
CA PRO A 36 22.34 -7.75 7.27
C PRO A 36 21.06 -7.27 7.93
N VAL A 37 20.67 -7.99 8.98
CA VAL A 37 19.40 -7.76 9.66
C VAL A 37 19.64 -7.85 11.15
N PHE A 38 19.00 -6.99 11.89
CA PHE A 38 19.32 -6.86 13.30
C PHE A 38 18.27 -7.57 14.12
N THR A 39 18.71 -8.12 15.24
CA THR A 39 17.80 -8.86 16.09
C THR A 39 18.01 -8.46 17.53
N LEU A 40 16.93 -8.01 18.14
CA LEU A 40 16.92 -7.69 19.55
C LEU A 40 16.86 -8.96 20.38
N ASN A 41 17.21 -8.83 21.65
CA ASN A 41 17.15 -9.95 22.58
C ASN A 41 16.52 -9.57 23.89
N SER A 42 16.53 -8.31 24.26
CA SER A 42 16.44 -7.88 25.65
C SER A 42 15.03 -7.48 26.05
N ASP A 43 14.87 -7.31 27.36
CA ASP A 43 13.59 -6.98 27.98
C ASP A 43 13.58 -5.58 28.55
N ASP A 44 14.70 -4.87 28.49
CA ASP A 44 14.78 -3.52 29.05
C ASP A 44 14.04 -2.55 28.12
N PRO A 45 13.15 -1.70 28.66
CA PRO A 45 12.55 -0.65 27.82
C PRO A 45 13.57 0.32 27.27
N GLU A 46 14.56 0.69 28.10
CA GLU A 46 15.68 1.50 27.63
C GLU A 46 16.29 0.88 26.37
N ASP A 47 16.39 -0.44 26.35
CA ASP A 47 17.13 -1.13 25.29
C ASP A 47 16.33 -1.19 24.01
N ARG A 48 15.04 -1.47 24.11
CA ARG A 48 14.18 -1.36 22.93
C ARG A 48 14.19 0.07 22.40
N TRP A 49 14.17 1.06 23.29
CA TRP A 49 14.20 2.46 22.86
C TRP A 49 15.45 2.78 22.06
N ASN A 50 16.61 2.40 22.58
CA ASN A 50 17.86 2.66 21.87
C ASN A 50 17.95 1.81 20.60
N PHE A 51 17.40 0.61 20.62
CA PHE A 51 17.31 -0.18 19.41
C PHE A 51 16.47 0.52 18.34
N ALA A 52 15.37 1.14 18.73
CA ALA A 52 14.53 1.79 17.73
C ALA A 52 15.17 3.07 17.21
N VAL A 53 15.69 3.90 18.12
CA VAL A 53 16.39 5.12 17.67
C VAL A 53 17.56 4.76 16.79
N PHE A 54 18.27 3.69 17.15
CA PHE A 54 19.42 3.24 16.39
C PHE A 54 19.02 2.77 15.01
N CYS A 55 18.06 1.86 14.92
CA CYS A 55 17.62 1.38 13.62
C CYS A 55 17.06 2.52 12.77
N LEU A 56 16.53 3.57 13.41
CA LEU A 56 16.07 4.71 12.61
C LEU A 56 17.24 5.55 12.10
N ARG A 57 18.17 5.92 12.99
CA ARG A 57 19.38 6.63 12.57
C ARG A 57 20.17 5.87 11.51
N ILE A 58 19.99 4.56 11.42
CA ILE A 58 20.56 3.82 10.31
C ILE A 58 19.72 4.04 9.07
N ALA A 59 18.41 3.76 9.19
CA ALA A 59 17.50 3.87 8.07
C ALA A 59 17.65 5.20 7.34
N VAL A 60 17.98 6.27 8.06
CA VAL A 60 17.95 7.61 7.48
C VAL A 60 19.33 8.07 7.09
N SER A 61 20.23 7.12 6.82
CA SER A 61 21.64 7.46 6.63
C SER A 61 21.87 8.34 5.40
N GLU A 62 22.90 9.17 5.45
CA GLU A 62 23.35 9.86 4.27
C GLU A 62 24.45 9.13 3.53
N ASP A 63 25.06 8.10 4.15
CA ASP A 63 26.28 7.50 3.60
C ASP A 63 26.33 5.98 3.59
N ALA A 64 25.45 5.29 4.31
CA ALA A 64 25.50 3.84 4.38
C ALA A 64 24.93 3.22 3.10
N ASN A 65 25.51 2.10 2.67
CA ASN A 65 25.08 1.50 1.42
C ASN A 65 23.65 1.00 1.55
N LYS A 66 23.12 0.44 0.46
CA LYS A 66 21.70 0.12 0.36
C LYS A 66 21.23 -1.07 1.20
N PRO A 67 21.77 -2.28 0.96
CA PRO A 67 21.22 -3.46 1.66
C PRO A 67 21.06 -3.21 3.14
N LEU A 68 21.93 -2.36 3.67
CA LEU A 68 22.01 -2.11 5.10
C LEU A 68 20.88 -1.21 5.57
N ARG A 69 20.55 -0.16 4.81
CA ARG A 69 19.40 0.63 5.16
C ARG A 69 18.15 -0.19 5.04
N GLN A 70 18.13 -1.06 4.04
CA GLN A 70 17.05 -2.02 3.95
C GLN A 70 16.90 -2.79 5.26
N GLY A 71 18.01 -3.33 5.75
CA GLY A 71 17.96 -4.11 6.97
C GLY A 71 17.51 -3.28 8.17
N ALA A 72 18.04 -2.07 8.27
CA ALA A 72 17.58 -1.17 9.32
C ALA A 72 16.07 -1.03 9.27
N LEU A 73 15.49 -0.93 8.07
CA LEU A 73 14.03 -0.79 7.99
C LEU A 73 13.32 -2.08 8.34
N ILE A 74 13.86 -3.21 7.92
CA ILE A 74 13.30 -4.47 8.38
C ILE A 74 13.26 -4.49 9.89
N SER A 75 14.30 -3.97 10.53
CA SER A 75 14.35 -3.97 12.00
C SER A 75 13.35 -3.00 12.60
N LEU A 76 13.18 -1.83 11.99
CA LEU A 76 12.16 -0.90 12.48
C LEU A 76 10.78 -1.51 12.34
N LEU A 77 10.60 -2.39 11.40
CA LEU A 77 9.31 -3.04 11.26
C LEU A 77 9.21 -4.28 12.12
N CYS A 78 10.34 -4.84 12.58
CA CYS A 78 10.33 -6.05 13.40
C CYS A 78 10.39 -5.76 14.88
N SER A 79 10.91 -4.61 15.25
CA SER A 79 11.15 -4.29 16.64
C SER A 79 9.88 -4.30 17.47
N HIS A 80 8.71 -4.21 16.84
CA HIS A 80 7.47 -4.07 17.60
C HIS A 80 7.23 -5.25 18.54
N SER A 81 7.58 -6.46 18.11
CA SER A 81 7.18 -7.67 18.83
C SER A 81 7.91 -7.77 20.16
N GLN A 82 7.49 -8.75 20.98
CA GLN A 82 8.28 -9.21 22.12
C GLN A 82 9.19 -10.37 21.68
N VAL A 83 8.63 -11.58 21.58
CA VAL A 83 9.40 -12.73 21.11
C VAL A 83 9.69 -12.50 19.63
N MET A 84 10.93 -12.09 19.32
CA MET A 84 11.31 -11.78 17.94
C MET A 84 12.13 -12.88 17.29
N ARG A 85 12.37 -13.99 17.98
CA ARG A 85 13.03 -15.13 17.36
C ARG A 85 12.19 -15.68 16.22
N ASN A 86 10.91 -15.95 16.49
CA ASN A 86 10.07 -16.60 15.49
C ASN A 86 9.69 -15.66 14.36
N HIS A 87 9.62 -14.36 14.64
CA HIS A 87 9.33 -13.40 13.58
C HIS A 87 10.52 -13.24 12.63
N VAL A 88 11.75 -13.28 13.15
CA VAL A 88 12.90 -13.29 12.25
C VAL A 88 13.13 -14.65 11.62
N ALA A 89 12.61 -15.73 12.23
CA ALA A 89 12.57 -17.03 11.54
C ALA A 89 11.58 -16.99 10.38
N LEU A 90 10.44 -16.32 10.58
CA LEU A 90 9.46 -16.08 9.53
C LEU A 90 10.03 -15.17 8.44
N ALA A 91 10.94 -14.27 8.82
CA ALA A 91 11.78 -13.58 7.85
C ALA A 91 12.65 -14.57 7.08
N GLY A 92 13.29 -15.49 7.80
CA GLY A 92 14.13 -16.49 7.15
C GLY A 92 13.38 -17.46 6.27
N LYS A 93 12.05 -17.52 6.42
CA LYS A 93 11.27 -18.51 5.67
C LYS A 93 11.28 -18.23 4.17
N GLN A 94 11.47 -16.98 3.78
CA GLN A 94 11.40 -16.61 2.38
C GLN A 94 12.74 -16.91 1.71
N ASN A 95 12.78 -17.99 0.95
CA ASN A 95 14.03 -18.50 0.39
C ASN A 95 14.57 -17.69 -0.78
N GLU A 96 13.85 -16.70 -1.28
CA GLU A 96 14.30 -16.05 -2.51
C GLU A 96 15.46 -15.09 -2.24
N ALA A 97 15.39 -14.33 -1.15
CA ALA A 97 16.49 -13.44 -0.78
C ALA A 97 17.42 -14.19 0.20
N THR A 98 18.23 -13.46 0.98
CA THR A 98 19.13 -14.08 1.95
C THR A 98 19.41 -13.10 3.08
N LEU A 99 19.06 -13.50 4.32
CA LEU A 99 19.14 -12.64 5.50
C LEU A 99 19.93 -13.31 6.60
N ALA A 100 20.66 -12.50 7.38
CA ALA A 100 21.46 -12.97 8.50
C ALA A 100 20.88 -12.48 9.82
N VAL A 101 21.44 -12.98 10.92
CA VAL A 101 20.86 -12.81 12.26
C VAL A 101 21.48 -11.63 13.00
N LEU A 102 22.80 -11.67 13.24
CA LEU A 102 23.50 -10.60 13.95
C LEU A 102 22.77 -10.25 15.24
N GLU A 103 22.82 -11.21 16.17
CA GLU A 103 22.28 -11.05 17.50
C GLU A 103 23.00 -9.92 18.23
N ILE A 104 22.45 -8.71 18.16
CA ILE A 104 23.17 -7.54 18.64
C ILE A 104 23.45 -7.61 20.13
N ASP A 105 22.92 -8.62 20.82
CA ASP A 105 23.25 -8.90 22.22
C ASP A 105 23.12 -7.70 23.15
N GLY A 106 22.57 -6.61 22.66
CA GLY A 106 22.37 -5.42 23.46
C GLY A 106 23.58 -4.52 23.46
N PHE A 107 23.37 -3.29 23.89
CA PHE A 107 24.43 -2.29 23.97
C PHE A 107 24.49 -1.84 25.41
N THR A 108 25.64 -1.33 25.85
CA THR A 108 25.77 -0.95 27.23
C THR A 108 25.14 0.40 27.49
N ASN A 109 25.43 0.98 28.65
CA ASN A 109 24.89 2.28 29.03
C ASN A 109 25.32 3.34 28.03
N GLY A 110 26.58 3.30 27.61
CA GLY A 110 27.03 4.23 26.60
C GLY A 110 26.23 3.85 25.38
N VAL A 111 25.70 4.82 24.68
CA VAL A 111 24.90 4.47 23.53
C VAL A 111 25.63 3.72 22.42
N PRO A 112 26.86 4.13 22.11
CA PRO A 112 27.53 3.50 20.98
C PRO A 112 27.87 2.02 20.93
N GLN A 113 28.38 1.38 21.98
CA GLN A 113 28.77 -0.01 21.74
C GLN A 113 27.68 -0.98 21.40
N PHE A 114 27.95 -1.71 20.33
CA PHE A 114 27.09 -2.74 19.88
C PHE A 114 27.87 -3.89 20.43
N ASN A 115 27.38 -4.46 21.51
CA ASN A 115 28.08 -5.56 22.13
C ASN A 115 27.50 -6.84 21.59
N ASN A 116 28.31 -7.54 20.82
CA ASN A 116 27.85 -8.78 20.21
C ASN A 116 28.82 -9.92 20.48
N ARG A 117 28.25 -11.14 20.54
CA ARG A 117 29.02 -12.37 20.74
C ARG A 117 29.33 -13.12 19.46
N SER A 118 28.40 -13.18 18.52
CA SER A 118 28.53 -14.09 17.40
C SER A 118 28.69 -13.31 16.10
N GLY A 119 29.57 -13.80 15.23
CA GLY A 119 29.54 -13.50 13.81
C GLY A 119 29.86 -12.08 13.38
N VAL A 120 30.56 -11.30 14.19
CA VAL A 120 30.85 -9.91 13.84
C VAL A 120 32.33 -9.62 14.08
N SER A 121 32.71 -8.34 14.08
CA SER A 121 34.10 -7.94 14.36
C SER A 121 34.12 -6.48 14.77
N GLU A 122 35.19 -6.10 15.47
CA GLU A 122 35.27 -4.75 15.99
C GLU A 122 35.75 -3.73 14.96
N GLU A 123 36.11 -4.17 13.77
CA GLU A 123 36.27 -3.22 12.68
C GLU A 123 34.92 -2.86 12.08
N ARG A 124 34.05 -3.86 11.94
CA ARG A 124 32.64 -3.64 11.65
C ARG A 124 32.00 -2.80 12.74
N ALA A 125 32.73 -2.99 13.83
CA ALA A 125 32.57 -2.40 15.12
C ALA A 125 32.86 -0.93 15.02
N GLN A 126 33.40 -0.45 13.91
CA GLN A 126 33.60 0.97 13.80
C GLN A 126 32.77 1.62 12.73
N ARG A 127 32.31 0.84 11.77
CA ARG A 127 31.55 1.46 10.71
C ARG A 127 30.17 2.05 10.99
N PHE A 128 29.30 1.29 11.67
CA PHE A 128 27.94 1.76 11.88
C PHE A 128 27.91 2.98 12.73
N MET A 129 28.71 2.83 13.79
CA MET A 129 28.89 3.85 14.78
C MET A 129 29.48 4.86 13.87
N MET A 130 30.42 4.46 13.03
CA MET A 130 30.73 5.49 12.07
C MET A 130 29.45 5.94 11.36
N ILE A 131 28.61 4.97 11.00
CA ILE A 131 27.34 5.19 10.28
C ILE A 131 26.34 5.89 11.16
N ALA A 132 26.45 5.73 12.48
CA ALA A 132 25.64 6.57 13.35
C ALA A 132 25.84 8.01 12.89
N GLY A 133 27.09 8.42 12.72
CA GLY A 133 27.43 9.74 12.22
C GLY A 133 26.73 10.08 10.92
N SER A 134 26.29 9.05 10.19
CA SER A 134 25.58 9.32 8.94
C SER A 134 24.36 10.17 9.22
N LEU A 135 24.29 11.32 8.57
CA LEU A 135 23.39 12.39 8.95
C LEU A 135 22.86 13.10 7.72
N PRO A 136 21.62 13.46 7.69
CA PRO A 136 21.14 14.26 6.57
C PRO A 136 21.58 15.70 6.77
N ARG A 137 22.57 16.13 5.98
CA ARG A 137 23.00 17.53 6.00
C ARG A 137 21.82 18.47 5.76
N ALA A 138 20.85 18.02 4.96
CA ALA A 138 19.66 18.83 4.71
C ALA A 138 18.77 18.88 5.94
N CYS A 139 18.71 17.79 6.71
CA CYS A 139 17.84 17.75 7.88
C CYS A 139 18.45 18.50 9.05
N SER A 140 17.58 19.11 9.83
CA SER A 140 17.96 20.07 10.87
C SER A 140 18.05 19.39 12.22
N ASN A 141 18.71 20.10 13.15
CA ASN A 141 19.11 19.57 14.46
C ASN A 141 20.00 18.34 14.31
N GLY A 142 20.24 17.90 13.08
CA GLY A 142 20.94 16.65 12.85
C GLY A 142 20.34 15.47 13.58
N THR A 143 19.01 15.42 13.64
CA THR A 143 18.31 14.33 14.33
C THR A 143 17.03 14.04 13.58
N PRO A 144 16.45 12.90 13.79
CA PRO A 144 15.22 12.56 13.06
C PRO A 144 13.99 13.24 13.61
N PHE A 145 13.86 13.40 14.91
CA PHE A 145 12.59 13.91 15.41
C PHE A 145 12.67 15.44 15.44
N VAL A 146 11.61 16.10 14.95
CA VAL A 146 11.63 17.56 14.67
C VAL A 146 11.67 18.38 15.96
N THR A 147 10.91 17.97 16.98
CA THR A 147 11.09 18.55 18.31
C THR A 147 12.39 18.01 18.91
N ALA A 148 13.31 18.92 19.22
CA ALA A 148 14.69 18.49 19.51
C ALA A 148 14.77 17.65 20.79
N GLY A 149 14.36 18.21 21.91
CA GLY A 149 14.60 17.55 23.19
C GLY A 149 13.68 16.38 23.48
N VAL A 150 13.49 15.47 22.51
CA VAL A 150 12.58 14.35 22.67
C VAL A 150 13.32 13.03 22.87
N GLU A 151 14.44 12.80 22.18
CA GLU A 151 15.07 11.48 22.13
C GLU A 151 15.83 11.14 23.41
N ASP A 152 16.23 12.15 24.18
CA ASP A 152 16.84 11.93 25.48
C ASP A 152 15.77 11.72 26.55
N ASP A 153 14.78 10.89 26.25
CA ASP A 153 13.64 10.66 27.12
C ASP A 153 13.85 9.42 27.98
N ALA A 154 13.01 9.29 29.00
CA ALA A 154 13.07 8.15 29.92
C ALA A 154 11.90 7.23 29.65
N PRO A 155 12.11 6.07 29.04
CA PRO A 155 11.03 5.08 29.00
C PRO A 155 10.98 4.30 30.31
N GLU A 156 10.21 4.81 31.29
CA GLU A 156 10.12 4.15 32.59
C GLU A 156 9.44 2.80 32.48
N ASP A 157 8.42 2.68 31.64
CA ASP A 157 7.66 1.45 31.46
C ASP A 157 7.72 1.03 30.01
N ILE A 158 7.23 -0.19 29.76
CA ILE A 158 7.33 -0.71 28.41
C ILE A 158 6.25 -0.15 27.51
N THR A 159 5.20 0.38 28.11
CA THR A 159 4.02 0.75 27.34
C THR A 159 4.30 1.92 26.41
N ASP A 160 4.92 3.00 26.92
CA ASP A 160 5.30 4.14 26.10
C ASP A 160 6.36 3.79 25.06
N THR A 161 7.26 2.87 25.41
CA THR A 161 8.26 2.44 24.44
C THR A 161 7.59 1.77 23.25
N LEU A 162 6.69 0.82 23.55
CA LEU A 162 5.80 0.27 22.53
C LEU A 162 5.16 1.36 21.70
N GLU A 163 4.46 2.28 22.37
CA GLU A 163 3.67 3.30 21.69
C GLU A 163 4.52 4.12 20.74
N ARG A 164 5.76 4.43 21.14
CA ARG A 164 6.68 5.15 20.27
C ARG A 164 7.06 4.29 19.07
N ILE A 165 7.36 3.02 19.31
CA ILE A 165 7.61 2.07 18.23
C ILE A 165 6.43 2.08 17.26
N LEU A 166 5.21 2.01 17.82
CA LEU A 166 4.00 2.02 17.01
C LEU A 166 3.95 3.26 16.13
N SER A 167 4.28 4.41 16.71
CA SER A 167 4.16 5.67 15.97
C SER A 167 5.16 5.72 14.84
N ILE A 168 6.39 5.32 15.11
CA ILE A 168 7.41 5.29 14.07
C ILE A 168 6.99 4.32 12.96
N GLN A 169 6.63 3.09 13.34
CA GLN A 169 6.24 2.10 12.36
C GLN A 169 5.01 2.50 11.58
N ALA A 170 4.09 3.22 12.21
CA ALA A 170 2.87 3.62 11.54
C ALA A 170 3.14 4.77 10.58
N GLN A 171 4.04 5.66 10.96
CA GLN A 171 4.55 6.64 10.03
C GLN A 171 5.12 5.96 8.82
N VAL A 172 5.73 4.80 9.03
CA VAL A 172 6.19 4.01 7.90
C VAL A 172 5.01 3.42 7.15
N TRP A 173 4.05 2.81 7.86
CA TRP A 173 2.97 2.05 7.25
C TRP A 173 2.01 2.92 6.47
N VAL A 174 1.86 4.17 6.90
CA VAL A 174 1.14 5.16 6.13
C VAL A 174 1.87 5.43 4.81
N THR A 175 3.17 5.69 4.88
CA THR A 175 4.01 5.98 3.71
C THR A 175 4.27 4.82 2.90
N VAL A 176 3.65 3.69 3.16
CA VAL A 176 3.86 2.57 2.28
C VAL A 176 3.00 2.72 1.02
N ALA A 177 1.83 3.36 1.12
CA ALA A 177 1.00 3.64 -0.05
C ALA A 177 1.57 4.78 -0.90
N LYS A 178 1.11 4.83 -2.14
CA LYS A 178 1.72 5.64 -3.19
C LYS A 178 3.17 5.22 -3.38
N ALA A 179 3.32 3.93 -3.59
CA ALA A 179 4.61 3.29 -3.49
C ALA A 179 5.51 3.52 -4.69
N MET A 180 5.06 4.20 -5.75
CA MET A 180 5.87 4.28 -6.96
C MET A 180 7.17 5.09 -6.74
N THR A 181 7.98 5.17 -7.81
CA THR A 181 9.33 5.71 -7.71
C THR A 181 9.38 7.23 -7.89
N ALA A 182 8.57 7.75 -8.79
CA ALA A 182 8.57 9.18 -8.96
C ALA A 182 8.10 9.74 -7.63
N TYR A 183 8.41 11.00 -7.35
CA TYR A 183 8.05 11.54 -6.05
C TYR A 183 6.58 11.90 -5.99
N GLU A 184 5.71 10.89 -5.81
CA GLU A 184 4.29 11.10 -5.75
C GLU A 184 4.12 11.93 -4.53
N THR A 185 3.38 13.00 -4.65
CA THR A 185 3.22 13.81 -3.49
C THR A 185 2.00 13.35 -2.75
N ALA A 186 2.22 12.57 -1.71
CA ALA A 186 1.12 12.10 -0.86
C ALA A 186 1.30 12.61 0.57
N ASP A 187 2.02 13.73 0.72
CA ASP A 187 2.26 14.31 2.03
C ASP A 187 0.95 14.73 2.69
N GLU A 188 0.03 15.31 1.90
CA GLU A 188 -1.21 15.85 2.47
C GLU A 188 -2.14 14.73 2.90
N SER A 189 -2.19 13.65 2.13
CA SER A 189 -3.00 12.51 2.51
C SER A 189 -2.36 11.74 3.66
N GLU A 190 -1.04 11.58 3.63
CA GLU A 190 -0.33 11.14 4.81
C GLU A 190 -0.72 11.97 6.02
N THR A 191 -0.76 13.29 5.87
CA THR A 191 -1.11 14.19 6.97
C THR A 191 -2.55 14.00 7.44
N ARG A 192 -3.49 13.83 6.49
CA ARG A 192 -4.87 13.55 6.84
C ARG A 192 -4.98 12.27 7.67
N ARG A 193 -4.25 11.24 7.29
CA ARG A 193 -4.29 10.02 8.07
C ARG A 193 -3.55 10.16 9.40
N ILE A 194 -2.52 11.00 9.46
CA ILE A 194 -1.87 11.24 10.75
C ILE A 194 -2.83 11.96 11.67
N ASN A 195 -3.59 12.90 11.11
CA ASN A 195 -4.56 13.67 11.86
C ASN A 195 -5.65 12.77 12.41
N LYS A 196 -6.13 11.81 11.60
CA LYS A 196 -7.20 10.96 12.10
C LYS A 196 -6.66 9.83 12.99
N TYR A 197 -5.38 9.50 12.89
CA TYR A 197 -4.76 8.69 13.92
C TYR A 197 -4.52 9.48 15.18
N MET A 198 -4.49 10.80 15.08
CA MET A 198 -4.56 11.65 16.25
C MET A 198 -5.97 11.73 16.82
N GLN A 199 -6.99 11.67 15.96
CA GLN A 199 -8.35 11.45 16.44
C GLN A 199 -8.43 10.14 17.23
N GLN A 200 -7.82 9.07 16.71
CA GLN A 200 -7.69 7.84 17.47
C GLN A 200 -6.88 8.08 18.73
N GLY A 201 -5.61 8.43 18.56
CA GLY A 201 -4.73 8.79 19.65
C GLY A 201 -3.61 7.80 19.91
N ARG A 202 -3.52 6.72 19.13
CA ARG A 202 -2.46 5.76 19.38
C ARG A 202 -1.10 6.29 19.02
N VAL A 203 -1.03 7.41 18.30
CA VAL A 203 0.23 8.06 17.93
C VAL A 203 0.23 9.48 18.51
N GLN A 204 1.33 9.84 19.17
CA GLN A 204 1.48 11.16 19.72
C GLN A 204 1.94 12.15 18.66
N LYS A 205 1.55 13.41 18.87
CA LYS A 205 2.09 14.51 18.07
C LYS A 205 3.57 14.72 18.35
N LYS A 206 4.06 14.24 19.48
CA LYS A 206 5.43 14.49 19.91
C LYS A 206 6.48 13.76 19.08
N TYR A 207 6.10 12.79 18.26
CA TYR A 207 7.08 11.89 17.67
C TYR A 207 7.13 11.92 16.14
N ILE A 208 6.74 13.02 15.53
CA ILE A 208 6.77 13.07 14.08
C ILE A 208 8.22 13.05 13.60
N LEU A 209 8.41 12.47 12.43
CA LEU A 209 9.73 12.48 11.83
C LEU A 209 9.91 13.75 10.99
N HIS A 210 11.06 13.82 10.33
CA HIS A 210 11.33 14.82 9.31
C HIS A 210 10.75 14.33 7.98
N PRO A 211 9.84 15.08 7.35
CA PRO A 211 9.16 14.52 6.17
C PRO A 211 10.09 14.23 4.99
N VAL A 212 11.16 15.01 4.83
CA VAL A 212 12.17 14.75 3.80
C VAL A 212 12.72 13.34 3.94
N CYS A 213 13.32 13.07 5.11
CA CYS A 213 13.87 11.74 5.41
C CYS A 213 12.80 10.65 5.27
N ARG A 214 11.55 10.97 5.57
CA ARG A 214 10.48 9.98 5.43
C ARG A 214 10.28 9.61 3.97
N SER A 215 10.19 10.60 3.09
CA SER A 215 10.00 10.34 1.66
C SER A 215 11.21 9.62 1.08
N ALA A 216 12.38 9.88 1.63
CA ALA A 216 13.55 9.09 1.26
C ALA A 216 13.40 7.65 1.73
N ILE A 217 12.86 7.44 2.94
CA ILE A 217 12.57 6.10 3.41
C ILE A 217 11.62 5.41 2.44
N GLN A 218 10.66 6.15 1.92
CA GLN A 218 9.74 5.60 0.91
C GLN A 218 10.51 5.17 -0.34
N LEU A 219 11.28 6.09 -0.92
CA LEU A 219 12.13 5.79 -2.07
C LEU A 219 12.97 4.55 -1.83
N THR A 220 13.50 4.40 -0.62
CA THR A 220 14.24 3.21 -0.25
C THR A 220 13.34 1.98 -0.26
N ILE A 221 12.16 2.09 0.35
CA ILE A 221 11.22 0.98 0.36
C ILE A 221 11.03 0.43 -1.05
N ARG A 222 10.80 1.32 -2.03
CA ARG A 222 10.47 0.82 -3.38
C ARG A 222 11.71 0.50 -4.21
N GLN A 223 12.87 0.96 -3.82
CA GLN A 223 14.01 0.45 -4.55
C GLN A 223 14.39 -0.98 -4.15
N SER A 224 13.92 -1.50 -3.00
CA SER A 224 14.33 -2.81 -2.49
C SER A 224 13.22 -3.84 -2.71
N LEU A 225 13.59 -4.97 -3.30
CA LEU A 225 12.59 -5.94 -3.72
C LEU A 225 11.90 -6.55 -2.51
N ALA A 226 12.69 -7.19 -1.65
CA ALA A 226 12.15 -8.13 -0.70
C ALA A 226 11.60 -7.47 0.56
N VAL A 227 12.02 -6.24 0.86
CA VAL A 227 11.37 -5.57 1.97
C VAL A 227 9.88 -5.45 1.70
N ARG A 228 9.50 -5.22 0.44
CA ARG A 228 8.07 -5.16 0.08
C ARG A 228 7.42 -6.52 0.20
N ILE A 229 8.14 -7.56 -0.19
CA ILE A 229 7.66 -8.93 -0.04
C ILE A 229 7.36 -9.22 1.41
N PHE A 230 8.24 -8.77 2.30
CA PHE A 230 8.01 -8.86 3.73
C PHE A 230 6.80 -8.03 4.14
N LEU A 231 6.61 -6.87 3.50
CA LEU A 231 5.41 -6.08 3.79
C LEU A 231 4.18 -6.86 3.39
N VAL A 232 4.22 -7.48 2.22
CA VAL A 232 3.10 -8.26 1.68
C VAL A 232 2.72 -9.39 2.62
N SER A 233 3.71 -10.10 3.14
CA SER A 233 3.44 -11.20 4.07
C SER A 233 2.95 -10.65 5.41
N GLU A 234 3.55 -9.54 5.87
CA GLU A 234 3.03 -8.85 7.03
C GLU A 234 1.55 -8.57 6.87
N LEU A 235 1.18 -7.99 5.73
CA LEU A 235 -0.20 -7.57 5.48
C LEU A 235 -1.13 -8.75 5.27
N LYS A 236 -0.61 -9.87 4.74
CA LYS A 236 -1.44 -11.05 4.62
C LYS A 236 -1.76 -11.62 6.00
N ARG A 237 -0.75 -11.73 6.86
CA ARG A 237 -1.01 -12.19 8.21
C ARG A 237 -1.85 -11.19 8.99
N GLY A 238 -1.85 -9.93 8.59
CA GLY A 238 -2.72 -8.93 9.17
C GLY A 238 -4.16 -9.09 8.75
N ARG A 239 -4.40 -9.24 7.46
CA ARG A 239 -5.76 -9.45 6.99
C ARG A 239 -6.32 -10.76 7.52
N ASN A 240 -5.46 -11.76 7.77
CA ASN A 240 -5.91 -13.08 8.24
C ASN A 240 -6.40 -13.03 9.68
N THR A 241 -5.76 -12.26 10.54
CA THR A 241 -6.10 -12.26 11.96
C THR A 241 -7.37 -11.47 12.21
N ALA A 242 -8.16 -11.92 13.18
CA ALA A 242 -9.43 -11.27 13.50
C ALA A 242 -9.22 -9.98 14.28
N GLY A 243 -10.27 -9.53 14.98
CA GLY A 243 -10.25 -8.29 15.72
C GLY A 243 -9.63 -8.40 17.10
N GLY A 244 -10.03 -9.39 17.89
CA GLY A 244 -9.44 -9.57 19.19
C GLY A 244 -7.98 -9.98 19.13
N THR A 245 -7.06 -9.04 19.30
CA THR A 245 -5.65 -9.39 19.20
C THR A 245 -4.79 -8.27 19.80
N SER A 246 -3.54 -8.17 19.33
CA SER A 246 -2.57 -7.17 19.78
C SER A 246 -2.52 -5.97 18.83
N THR A 247 -2.19 -4.81 19.40
CA THR A 247 -2.38 -3.51 18.74
C THR A 247 -1.63 -3.40 17.42
N TYR A 248 -0.53 -4.10 17.26
CA TYR A 248 0.27 -3.86 16.08
C TYR A 248 -0.45 -4.37 14.82
N TYR A 249 -1.01 -5.57 14.89
CA TYR A 249 -1.79 -6.07 13.75
C TYR A 249 -3.01 -5.22 13.50
N ASN A 250 -3.55 -4.60 14.54
CA ASN A 250 -4.72 -3.79 14.32
C ASN A 250 -4.36 -2.51 13.57
N LEU A 251 -3.22 -1.89 13.90
CA LEU A 251 -2.74 -0.79 13.09
C LEU A 251 -2.51 -1.22 11.65
N VAL A 252 -1.88 -2.39 11.47
CA VAL A 252 -1.55 -2.83 10.12
C VAL A 252 -2.82 -3.05 9.30
N GLY A 253 -3.73 -3.90 9.78
CA GLY A 253 -4.96 -4.15 9.04
C GLY A 253 -5.83 -2.93 8.86
N ASP A 254 -5.80 -2.01 9.83
CA ASP A 254 -6.56 -0.77 9.68
C ASP A 254 -5.99 0.07 8.54
N VAL A 255 -4.66 0.20 8.45
CA VAL A 255 -4.07 0.95 7.33
C VAL A 255 -4.15 0.14 6.04
N ASP A 256 -4.44 -1.15 6.16
CA ASP A 256 -4.38 -2.01 4.98
C ASP A 256 -5.33 -1.54 3.90
N SER A 257 -6.60 -1.33 4.24
CA SER A 257 -7.57 -1.00 3.20
C SER A 257 -7.13 0.23 2.41
N TYR A 258 -6.30 1.10 2.98
CA TYR A 258 -5.71 2.16 2.16
C TYR A 258 -4.53 1.66 1.34
N ILE A 259 -3.83 0.60 1.78
CA ILE A 259 -2.74 0.11 0.94
C ILE A 259 -3.26 -0.59 -0.32
N ARG A 260 -4.34 -1.35 -0.22
CA ARG A 260 -4.69 -2.29 -1.28
C ARG A 260 -5.23 -1.56 -2.51
N ASN A 261 -5.42 -2.33 -3.59
CA ASN A 261 -6.28 -1.97 -4.73
C ASN A 261 -5.71 -0.81 -5.52
N THR A 262 -4.39 -0.63 -5.41
CA THR A 262 -3.66 0.52 -5.92
C THR A 262 -3.31 0.31 -7.39
N GLY A 263 -3.27 1.40 -8.15
CA GLY A 263 -2.81 1.36 -9.54
C GLY A 263 -3.73 0.62 -10.49
N LEU A 264 -4.73 -0.07 -9.93
CA LEU A 264 -5.78 -0.69 -10.71
C LEU A 264 -6.98 0.23 -10.83
N THR A 265 -6.75 1.55 -10.82
CA THR A 265 -7.79 2.52 -10.46
C THR A 265 -8.83 2.69 -11.57
N ALA A 266 -8.40 2.94 -12.80
CA ALA A 266 -9.36 3.06 -13.89
C ALA A 266 -10.19 1.79 -14.02
N PHE A 267 -9.56 0.63 -13.81
CA PHE A 267 -10.28 -0.63 -13.87
C PHE A 267 -11.46 -0.67 -12.90
N PHE A 268 -11.29 -0.09 -11.69
CA PHE A 268 -12.31 -0.09 -10.62
C PHE A 268 -13.28 1.08 -10.71
N LEU A 269 -12.85 2.19 -11.32
CA LEU A 269 -13.81 3.18 -11.77
C LEU A 269 -14.81 2.57 -12.73
N THR A 270 -14.33 1.85 -13.75
CA THR A 270 -15.24 1.17 -14.67
C THR A 270 -16.22 0.27 -13.92
N LEU A 271 -15.69 -0.52 -13.00
CA LEU A 271 -16.55 -1.36 -12.17
C LEU A 271 -17.60 -0.54 -11.45
N LYS A 272 -17.18 0.54 -10.79
CA LYS A 272 -18.11 1.33 -10.01
C LYS A 272 -19.16 2.00 -10.88
N TYR A 273 -18.73 2.87 -11.80
CA TYR A 273 -19.64 3.71 -12.57
C TYR A 273 -20.16 2.98 -13.82
N GLY A 274 -19.24 2.53 -14.66
CA GLY A 274 -19.58 1.87 -15.90
C GLY A 274 -20.61 0.77 -15.76
N ILE A 275 -20.37 -0.18 -14.85
CA ILE A 275 -21.13 -1.43 -14.86
C ILE A 275 -22.10 -1.53 -13.69
N ASN A 276 -21.60 -1.35 -12.46
CA ASN A 276 -22.43 -1.61 -11.27
C ASN A 276 -23.67 -0.73 -11.19
N THR A 277 -23.82 0.27 -12.09
CA THR A 277 -25.08 1.03 -12.21
C THR A 277 -26.02 0.49 -13.27
N LYS A 278 -25.53 -0.30 -14.24
CA LYS A 278 -26.35 -0.97 -15.25
C LYS A 278 -27.37 -0.01 -15.88
N THR A 279 -26.83 1.03 -16.48
CA THR A 279 -27.62 1.97 -17.25
C THR A 279 -27.84 1.41 -18.67
N SER A 280 -28.94 1.84 -19.29
CA SER A 280 -29.36 1.21 -20.55
C SER A 280 -28.37 1.44 -21.69
N ALA A 281 -27.61 2.53 -21.67
CA ALA A 281 -26.61 2.70 -22.71
C ALA A 281 -25.45 1.73 -22.58
N LEU A 282 -25.41 1.07 -21.43
CA LEU A 282 -24.41 0.04 -21.29
C LEU A 282 -24.80 -0.93 -22.38
N ALA A 283 -26.10 -1.21 -22.49
CA ALA A 283 -26.55 -2.07 -23.55
C ALA A 283 -26.53 -1.12 -24.71
N LEU A 284 -25.87 -1.54 -25.77
CA LEU A 284 -25.73 -0.75 -26.97
C LEU A 284 -25.31 -1.64 -28.11
N SER A 285 -25.01 -1.05 -29.24
CA SER A 285 -24.62 -1.83 -30.39
C SER A 285 -23.37 -2.66 -30.20
N SER A 286 -22.33 -2.07 -29.62
CA SER A 286 -21.08 -2.82 -29.46
C SER A 286 -20.41 -2.92 -28.10
N LEU A 287 -20.63 -1.92 -27.28
CA LEU A 287 -19.87 -1.87 -26.04
C LEU A 287 -19.68 -3.23 -25.41
N SER A 288 -20.38 -4.25 -25.92
CA SER A 288 -20.40 -5.57 -25.29
C SER A 288 -19.00 -6.20 -25.25
N GLY A 289 -18.33 -6.33 -26.38
CA GLY A 289 -17.03 -6.99 -26.43
C GLY A 289 -16.09 -6.62 -25.29
N ASP A 290 -16.01 -5.33 -24.99
CA ASP A 290 -15.19 -4.94 -23.86
C ASP A 290 -15.83 -5.33 -22.53
N ILE A 291 -17.15 -5.44 -22.46
CA ILE A 291 -17.80 -6.00 -21.26
C ILE A 291 -17.40 -7.45 -21.08
N GLN A 292 -17.43 -8.20 -22.18
CA GLN A 292 -17.00 -9.59 -22.17
C GLN A 292 -15.59 -9.69 -21.63
N LYS A 293 -14.70 -8.81 -22.09
CA LYS A 293 -13.36 -8.81 -21.52
C LYS A 293 -13.36 -8.31 -20.07
N MET A 294 -14.33 -7.48 -19.68
CA MET A 294 -14.42 -7.04 -18.28
C MET A 294 -14.67 -8.22 -17.36
N LYS A 295 -15.63 -9.07 -17.72
CA LYS A 295 -15.90 -10.27 -16.93
C LYS A 295 -14.78 -11.30 -17.05
N GLN A 296 -14.04 -11.29 -18.17
CA GLN A 296 -12.81 -12.07 -18.22
C GLN A 296 -11.83 -11.66 -17.13
N LEU A 297 -11.50 -10.36 -17.05
CA LEU A 297 -10.60 -9.92 -15.98
C LEU A 297 -11.21 -10.08 -14.60
N MET A 298 -12.54 -10.13 -14.51
CA MET A 298 -13.19 -10.50 -13.27
C MET A 298 -12.82 -11.92 -12.86
N ARG A 299 -13.09 -12.89 -13.73
CA ARG A 299 -12.69 -14.27 -13.46
C ARG A 299 -11.20 -14.36 -13.14
N LEU A 300 -10.36 -13.60 -13.87
CA LEU A 300 -8.93 -13.55 -13.57
C LEU A 300 -8.61 -12.85 -12.27
N TYR A 301 -9.50 -11.99 -11.79
CA TYR A 301 -9.27 -11.40 -10.49
C TYR A 301 -9.61 -12.38 -9.37
N ARG A 302 -10.76 -13.08 -9.49
CA ARG A 302 -11.20 -13.99 -8.44
C ARG A 302 -10.32 -15.22 -8.39
N MET A 303 -10.19 -15.94 -9.51
CA MET A 303 -9.30 -17.09 -9.47
C MET A 303 -7.83 -16.73 -9.33
N LYS A 304 -7.46 -15.46 -9.49
CA LYS A 304 -6.16 -15.03 -9.01
C LYS A 304 -6.21 -15.06 -7.49
N GLY A 305 -6.91 -14.07 -6.94
CA GLY A 305 -7.38 -14.10 -5.57
C GLY A 305 -6.39 -13.69 -4.49
N ASP A 306 -5.57 -14.64 -4.08
CA ASP A 306 -4.87 -14.52 -2.82
C ASP A 306 -3.70 -13.55 -2.88
N ASN A 307 -3.27 -13.16 -4.07
CA ASN A 307 -2.33 -12.06 -4.18
C ASN A 307 -2.94 -10.96 -5.00
N ALA A 308 -4.25 -11.07 -5.24
CA ALA A 308 -4.90 -10.20 -6.21
C ALA A 308 -4.94 -8.75 -5.75
N PRO A 309 -5.41 -8.43 -4.54
CA PRO A 309 -5.46 -6.99 -4.20
C PRO A 309 -4.08 -6.36 -4.11
N TYR A 310 -3.02 -7.07 -4.53
CA TYR A 310 -1.66 -6.61 -4.24
C TYR A 310 -0.70 -6.81 -5.39
N MET A 311 -1.16 -6.68 -6.63
CA MET A 311 -0.22 -6.92 -7.72
C MET A 311 0.75 -5.79 -7.86
N THR A 312 0.29 -4.57 -7.63
CA THR A 312 1.14 -3.39 -7.70
C THR A 312 2.39 -3.57 -6.86
N LEU A 313 2.16 -3.81 -5.58
CA LEU A 313 3.24 -4.03 -4.66
C LEU A 313 3.95 -5.26 -5.07
N LEU A 314 3.20 -6.26 -5.51
CA LEU A 314 3.86 -7.48 -5.90
C LEU A 314 4.80 -7.27 -7.06
N GLY A 315 4.39 -6.48 -8.04
CA GLY A 315 5.24 -6.18 -9.19
C GLY A 315 5.12 -7.10 -10.39
N ASP A 316 4.32 -8.16 -10.32
CA ASP A 316 4.23 -9.03 -11.47
C ASP A 316 3.66 -8.34 -12.68
N SER A 317 4.11 -8.77 -13.85
CA SER A 317 3.72 -8.20 -15.14
C SER A 317 2.28 -8.44 -15.59
N ASP A 318 1.58 -9.36 -14.95
CA ASP A 318 0.20 -9.71 -15.34
C ASP A 318 -0.84 -8.61 -15.27
N GLN A 319 -0.61 -7.60 -14.45
CA GLN A 319 -1.50 -6.48 -14.29
C GLN A 319 -1.59 -5.94 -15.68
N MET A 320 -0.44 -5.85 -16.35
CA MET A 320 -0.61 -5.42 -17.74
C MET A 320 -1.85 -6.02 -18.36
N SER A 321 -2.23 -7.24 -17.97
CA SER A 321 -3.51 -7.76 -18.45
C SER A 321 -4.66 -6.88 -17.98
N PHE A 322 -4.47 -6.21 -16.86
CA PHE A 322 -5.34 -5.13 -16.41
C PHE A 322 -5.08 -3.83 -17.12
N ALA A 323 -4.81 -3.87 -18.41
CA ALA A 323 -4.61 -2.64 -19.16
C ALA A 323 -5.93 -1.89 -19.31
N PRO A 324 -5.97 -0.61 -19.03
CA PRO A 324 -7.20 0.15 -19.27
C PRO A 324 -7.43 0.40 -20.73
N ALA A 325 -6.40 0.15 -21.56
CA ALA A 325 -6.34 0.66 -22.92
C ALA A 325 -7.24 -0.13 -23.88
N GLU A 326 -7.24 -1.46 -23.78
CA GLU A 326 -8.15 -2.19 -24.61
C GLU A 326 -9.63 -1.83 -24.37
N TYR A 327 -9.96 -1.23 -23.22
CA TYR A 327 -11.32 -0.83 -22.90
C TYR A 327 -11.67 0.58 -23.33
N ALA A 328 -10.76 1.27 -24.02
CA ALA A 328 -10.81 2.71 -24.24
C ALA A 328 -12.23 3.27 -24.42
N GLN A 329 -13.08 2.56 -25.16
CA GLN A 329 -14.46 3.00 -25.38
C GLN A 329 -15.23 3.01 -24.07
N LEU A 330 -15.52 1.81 -23.57
CA LEU A 330 -16.07 1.65 -22.23
C LEU A 330 -15.36 2.54 -21.22
N TYR A 331 -14.04 2.39 -21.11
CA TYR A 331 -13.27 3.17 -20.12
C TYR A 331 -13.59 4.65 -20.20
N SER A 332 -13.73 5.19 -21.41
CA SER A 332 -14.02 6.61 -21.54
C SER A 332 -15.43 6.91 -21.05
N PHE A 333 -16.41 6.15 -21.52
CA PHE A 333 -17.79 6.33 -21.08
C PHE A 333 -17.87 6.36 -19.54
N ALA A 334 -17.46 5.26 -18.89
CA ALA A 334 -17.48 5.18 -17.43
C ALA A 334 -16.86 6.41 -16.77
N MET A 335 -15.84 7.00 -17.40
CA MET A 335 -15.15 8.18 -16.87
C MET A 335 -15.95 9.46 -17.11
N GLY A 336 -16.36 9.71 -18.36
CA GLY A 336 -17.17 10.88 -18.64
C GLY A 336 -18.35 10.98 -17.71
N MET A 337 -19.03 9.85 -17.48
CA MET A 337 -20.13 9.81 -16.54
C MET A 337 -19.67 10.13 -15.11
N ALA A 338 -18.64 9.44 -14.61
CA ALA A 338 -18.13 9.78 -13.28
C ALA A 338 -17.74 11.24 -13.20
N SER A 339 -17.28 11.82 -14.33
CA SER A 339 -16.87 13.21 -14.32
C SER A 339 -18.06 14.12 -14.07
N VAL A 340 -19.22 13.78 -14.63
CA VAL A 340 -20.44 14.54 -14.35
C VAL A 340 -21.05 14.11 -13.02
N LEU A 341 -21.42 12.83 -12.88
CA LEU A 341 -22.11 12.38 -11.66
C LEU A 341 -21.26 12.65 -10.42
N ASP A 342 -20.04 12.13 -10.38
CA ASP A 342 -19.25 12.36 -9.19
C ASP A 342 -18.33 13.55 -9.34
N LYS A 343 -18.06 14.18 -8.21
CA LYS A 343 -17.05 15.23 -8.14
C LYS A 343 -15.80 14.68 -7.46
N GLY A 344 -15.13 13.76 -8.16
CA GLY A 344 -13.78 13.40 -7.85
C GLY A 344 -12.93 13.61 -9.08
N THR A 345 -11.63 13.37 -8.91
CA THR A 345 -10.62 13.29 -9.97
C THR A 345 -10.49 14.57 -10.76
N GLY A 346 -11.24 15.63 -10.43
CA GLY A 346 -11.18 16.86 -11.19
C GLY A 346 -9.89 17.62 -11.07
N LYS A 347 -9.07 17.32 -10.07
CA LYS A 347 -7.86 18.08 -9.77
C LYS A 347 -6.59 17.48 -10.38
N TYR A 348 -6.72 16.48 -11.26
CA TYR A 348 -5.57 15.91 -11.95
C TYR A 348 -5.93 15.45 -13.38
N GLN A 349 -4.92 14.98 -14.11
CA GLN A 349 -5.07 14.49 -15.48
C GLN A 349 -5.20 12.98 -15.43
N PHE A 350 -6.43 12.52 -15.39
CA PHE A 350 -6.71 11.11 -15.36
C PHE A 350 -7.37 10.79 -16.69
N ALA A 351 -6.56 10.77 -17.75
CA ALA A 351 -7.05 10.55 -19.11
C ALA A 351 -5.96 9.92 -19.97
N ARG A 352 -6.37 9.35 -21.11
CA ARG A 352 -5.43 8.68 -22.00
C ARG A 352 -5.50 9.29 -23.39
N ASP A 353 -4.44 9.04 -24.16
CA ASP A 353 -4.39 9.48 -25.56
C ASP A 353 -5.02 8.47 -26.50
N PHE A 354 -5.18 7.23 -26.06
CA PHE A 354 -5.91 6.22 -26.82
C PHE A 354 -7.40 6.26 -26.53
N MET A 355 -7.92 7.43 -26.18
CA MET A 355 -9.31 7.67 -25.83
C MET A 355 -10.17 7.89 -27.09
N SER A 356 -11.48 7.66 -26.96
CA SER A 356 -12.47 8.06 -27.97
C SER A 356 -13.24 9.26 -27.46
N THR A 357 -13.45 10.25 -28.33
CA THR A 357 -14.04 11.51 -27.91
C THR A 357 -15.55 11.44 -27.80
N SER A 358 -16.17 10.67 -28.70
CA SER A 358 -17.63 10.66 -28.77
C SER A 358 -18.25 10.00 -27.55
N PHE A 359 -17.66 8.91 -27.06
CA PHE A 359 -18.27 8.20 -25.95
C PHE A 359 -18.09 8.92 -24.63
N TRP A 360 -17.05 9.72 -24.52
CA TRP A 360 -16.98 10.75 -23.50
C TRP A 360 -18.13 11.74 -23.63
N ARG A 361 -18.28 12.36 -24.81
CA ARG A 361 -19.39 13.28 -25.01
C ARG A 361 -20.71 12.64 -24.61
N LEU A 362 -20.84 11.35 -24.87
CA LEU A 362 -22.09 10.70 -24.61
C LEU A 362 -22.23 10.36 -23.14
N GLY A 363 -21.15 10.06 -22.44
CA GLY A 363 -21.23 9.93 -21.00
C GLY A 363 -21.70 11.22 -20.36
N VAL A 364 -21.27 12.36 -20.91
CA VAL A 364 -21.77 13.65 -20.45
C VAL A 364 -23.26 13.77 -20.72
N GLU A 365 -23.64 13.59 -21.98
CA GLU A 365 -25.04 13.82 -22.36
C GLU A 365 -25.97 12.89 -21.61
N TYR A 366 -25.61 11.61 -21.51
CA TYR A 366 -26.41 10.61 -20.81
C TYR A 366 -26.46 10.86 -19.31
N ALA A 367 -25.38 11.37 -18.72
CA ALA A 367 -25.42 11.64 -17.29
C ALA A 367 -26.13 12.94 -16.99
N GLN A 368 -26.20 13.85 -17.95
CA GLN A 368 -26.83 15.13 -17.73
C GLN A 368 -28.34 15.05 -17.50
N ALA A 369 -28.99 13.97 -17.92
CA ALA A 369 -30.45 13.83 -17.85
C ALA A 369 -30.80 12.65 -16.94
N GLN A 370 -30.73 12.90 -15.63
CA GLN A 370 -31.00 11.84 -14.67
C GLN A 370 -32.49 11.55 -14.58
N GLY A 371 -33.23 11.80 -15.64
CA GLY A 371 -34.58 11.27 -15.66
C GLY A 371 -34.64 9.81 -15.96
N SER A 372 -33.53 9.27 -16.46
CA SER A 372 -33.49 7.97 -17.13
C SER A 372 -33.22 6.77 -16.23
N SER A 373 -32.60 6.96 -15.06
CA SER A 373 -32.26 5.86 -14.16
C SER A 373 -33.50 5.08 -13.71
N ILE A 374 -33.90 4.09 -14.49
CA ILE A 374 -34.98 3.21 -14.11
C ILE A 374 -34.43 1.80 -14.04
N ASN A 375 -34.65 1.15 -12.91
CA ASN A 375 -34.18 -0.21 -12.67
C ASN A 375 -35.32 -1.20 -12.62
N GLU A 376 -35.09 -2.36 -13.23
CA GLU A 376 -36.00 -3.49 -13.08
C GLU A 376 -36.16 -3.87 -11.62
N ASP A 377 -35.11 -3.68 -10.82
CA ASP A 377 -35.09 -4.24 -9.48
C ASP A 377 -36.14 -3.57 -8.60
N MET A 378 -36.02 -2.27 -8.37
CA MET A 378 -37.00 -1.62 -7.50
C MET A 378 -38.39 -1.61 -8.14
N ALA A 379 -38.47 -1.62 -9.48
CA ALA A 379 -39.76 -1.76 -10.15
C ALA A 379 -40.48 -3.01 -9.68
N ALA A 380 -39.84 -4.17 -9.85
CA ALA A 380 -40.42 -5.41 -9.36
C ALA A 380 -40.36 -5.56 -7.84
N GLU A 381 -39.72 -4.62 -7.14
CA GLU A 381 -39.76 -4.62 -5.67
C GLU A 381 -41.02 -3.99 -5.12
N LEU A 382 -41.29 -2.75 -5.51
CA LEU A 382 -42.32 -1.94 -4.87
C LEU A 382 -43.57 -1.81 -5.73
N LYS A 383 -43.69 -2.57 -6.82
CA LYS A 383 -44.81 -2.44 -7.74
C LYS A 383 -45.05 -0.96 -8.04
N LEU A 384 -44.02 -0.33 -8.58
CA LEU A 384 -44.04 1.10 -8.80
C LEU A 384 -45.01 1.48 -9.91
N THR A 385 -45.69 2.61 -9.73
CA THR A 385 -46.68 3.08 -10.69
C THR A 385 -46.01 3.87 -11.81
N PRO A 386 -46.73 4.13 -12.90
CA PRO A 386 -46.28 5.17 -13.82
C PRO A 386 -46.35 6.55 -13.20
N ALA A 387 -47.35 6.79 -12.36
CA ALA A 387 -47.46 8.08 -11.67
C ALA A 387 -46.21 8.39 -10.87
N ALA A 388 -45.76 7.42 -10.06
CA ALA A 388 -44.54 7.63 -9.30
C ALA A 388 -43.32 7.79 -10.20
N ARG A 389 -43.28 7.07 -11.31
CA ARG A 389 -42.17 7.24 -12.24
C ARG A 389 -42.08 8.66 -12.74
N ARG A 390 -43.16 9.17 -13.33
CA ARG A 390 -43.12 10.56 -13.81
C ARG A 390 -43.01 11.56 -12.68
N GLY A 391 -43.44 11.23 -11.47
CA GLY A 391 -43.20 12.12 -10.34
C GLY A 391 -41.73 12.26 -10.02
N LEU A 392 -41.06 11.14 -9.78
CA LEU A 392 -39.63 11.23 -9.50
C LEU A 392 -38.88 11.83 -10.68
N ALA A 393 -39.41 11.67 -11.91
CA ALA A 393 -38.84 12.38 -13.04
C ALA A 393 -38.91 13.89 -12.84
N ALA A 394 -40.10 14.41 -12.55
CA ALA A 394 -40.23 15.84 -12.27
C ALA A 394 -39.27 16.28 -11.17
N ALA A 395 -39.02 15.41 -10.18
CA ALA A 395 -38.00 15.70 -9.18
C ALA A 395 -36.64 15.89 -9.84
N ALA A 396 -36.24 14.94 -10.69
CA ALA A 396 -34.96 15.05 -11.39
C ALA A 396 -34.93 16.23 -12.35
N GLN A 397 -36.09 16.76 -12.73
CA GLN A 397 -36.11 17.94 -13.60
C GLN A 397 -35.57 19.18 -12.92
N ARG A 398 -35.05 19.01 -11.71
CA ARG A 398 -34.39 20.08 -10.98
C ARG A 398 -33.00 20.35 -11.55
#